data_5LBT
#
_entry.id   5LBT
#
_cell.length_a   57.689
_cell.length_b   80.925
_cell.length_c   106.198
_cell.angle_alpha   90.00
_cell.angle_beta   90.00
_cell.angle_gamma   90.00
#
_symmetry.space_group_name_H-M   'P 21 21 21'
#
loop_
_entity.id
_entity.type
_entity.pdbx_description
1 polymer 'Ribosyldihydronicotinamide dehydrogenase [quinone]'
2 non-polymer 'ZINC ION'
3 non-polymer 'FLAVIN-ADENINE DINUCLEOTIDE'
4 non-polymer 1-(2-methylpropyl)imidazo[4,5-c]quinolin-4-amine
5 non-polymer 'SULFATE ION'
6 water water
#
_entity_poly.entity_id   1
_entity_poly.type   'polypeptide(L)'
_entity_poly.pdbx_seq_one_letter_code
;MAGKKVLIVYAHQEPKSFNGSLKNVAVDELSRQGCTVTVSDLYAMNLEPRATDKDITGTLSNPEVFNYGVETHEAYKQRS
LASDITDEQKKVREADLVIFQFPLYWFSVPAILKGWMDRVLCQGFAFDIPGFYDSGLLQGKLALLSVTTGGTAEMYTKTG
VNGDSRYFLWPLQHGTLHFCGFKVLAPQISFAPEIASEEERKGMVAAWSQRLQTIWKEEPIPCTAHWHFGQHHHHHH
;
_entity_poly.pdbx_strand_id   A,B
#
loop_
_chem_comp.id
_chem_comp.type
_chem_comp.name
_chem_comp.formula
6T0 non-polymer 1-(2-methylpropyl)imidazo[4,5-c]quinolin-4-amine 'C14 H16 N4'
FAD non-polymer 'FLAVIN-ADENINE DINUCLEOTIDE' 'C27 H33 N9 O15 P2'
SO4 non-polymer 'SULFATE ION' 'O4 S -2'
ZN non-polymer 'ZINC ION' 'Zn 2'
#
# COMPACT_ATOMS: atom_id res chain seq x y z
N GLY A 3 29.24 -13.41 -10.84
CA GLY A 3 29.02 -12.65 -9.56
C GLY A 3 27.78 -11.74 -9.53
N LYS A 4 26.68 -12.29 -9.00
CA LYS A 4 25.38 -11.64 -8.91
C LYS A 4 25.15 -11.07 -7.49
N LYS A 5 24.45 -9.94 -7.44
CA LYS A 5 24.23 -9.25 -6.20
C LYS A 5 22.75 -9.24 -5.95
N VAL A 6 22.37 -9.54 -4.73
CA VAL A 6 20.98 -9.63 -4.31
C VAL A 6 20.75 -8.72 -3.14
N LEU A 7 19.65 -7.96 -3.23
CA LEU A 7 19.11 -7.20 -2.08
C LEU A 7 17.82 -7.86 -1.65
N ILE A 8 17.69 -8.13 -0.36
CA ILE A 8 16.44 -8.61 0.24
C ILE A 8 15.87 -7.46 1.09
N VAL A 9 14.69 -6.99 0.71
CA VAL A 9 13.96 -5.99 1.46
C VAL A 9 12.91 -6.73 2.28
N TYR A 10 13.15 -6.77 3.58
CA TYR A 10 12.46 -7.66 4.53
C TYR A 10 11.62 -6.85 5.54
N ALA A 11 10.33 -7.19 5.63
CA ALA A 11 9.36 -6.45 6.45
C ALA A 11 8.59 -7.36 7.39
N HIS A 12 9.26 -7.77 8.47
CA HIS A 12 8.62 -8.52 9.55
C HIS A 12 9.25 -8.14 10.89
N GLN A 13 8.40 -8.00 11.89
CA GLN A 13 8.81 -7.65 13.25
C GLN A 13 9.60 -8.71 14.04
N GLU A 14 9.26 -9.97 13.82
CA GLU A 14 9.80 -11.10 14.57
C GLU A 14 10.80 -11.97 13.80
N PRO A 15 12.04 -12.13 14.29
CA PRO A 15 12.95 -12.95 13.47
C PRO A 15 12.63 -14.44 13.41
N LYS A 16 11.89 -14.97 14.41
CA LYS A 16 11.43 -16.35 14.46
C LYS A 16 10.16 -16.64 13.68
N SER A 17 9.60 -15.62 13.07
CA SER A 17 8.42 -15.76 12.25
C SER A 17 8.67 -16.61 11.00
N PHE A 18 7.57 -17.01 10.35
CA PHE A 18 7.68 -17.71 9.08
C PHE A 18 8.37 -16.80 8.06
N ASN A 19 8.05 -15.51 8.09
CA ASN A 19 8.75 -14.55 7.20
C ASN A 19 10.25 -14.48 7.49
N GLY A 20 10.59 -14.44 8.77
CA GLY A 20 11.99 -14.47 9.18
C GLY A 20 12.73 -15.70 8.73
N SER A 21 12.02 -16.83 8.76
CA SER A 21 12.57 -18.11 8.30
C SER A 21 12.83 -18.10 6.77
N LEU A 22 11.91 -17.52 6.00
CA LEU A 22 12.08 -17.40 4.57
C LEU A 22 13.17 -16.41 4.18
N LYS A 23 13.30 -15.34 4.95
CA LYS A 23 14.43 -14.41 4.77
C LYS A 23 15.78 -15.14 4.97
N ASN A 24 15.88 -15.88 6.08
CA ASN A 24 17.07 -16.63 6.42
C ASN A 24 17.42 -17.70 5.43
N VAL A 25 16.42 -18.43 4.95
CA VAL A 25 16.61 -19.37 3.80
C VAL A 25 17.22 -18.69 2.58
N ALA A 26 16.68 -17.53 2.20
CA ALA A 26 17.24 -16.79 1.09
C ALA A 26 18.69 -16.35 1.35
N VAL A 27 18.98 -15.84 2.55
CA VAL A 27 20.37 -15.44 2.85
C VAL A 27 21.25 -16.66 2.75
N ASP A 28 20.83 -17.76 3.38
CA ASP A 28 21.67 -18.95 3.44
C ASP A 28 21.95 -19.54 2.05
N GLU A 29 20.89 -19.68 1.24
CA GLU A 29 21.07 -20.32 -0.05
C GLU A 29 21.86 -19.40 -1.04
N LEU A 30 21.56 -18.11 -1.05
CA LEU A 30 22.25 -17.18 -1.97
C LEU A 30 23.72 -16.98 -1.57
N SER A 31 23.98 -16.93 -0.26
CA SER A 31 25.35 -16.88 0.28
C SER A 31 26.11 -18.13 -0.14
N ARG A 32 25.47 -19.28 0.01
CA ARG A 32 26.08 -20.55 -0.35
C ARG A 32 26.47 -20.60 -1.81
N GLN A 33 25.65 -20.03 -2.70
CA GLN A 33 25.96 -19.99 -4.14
C GLN A 33 27.11 -19.06 -4.48
N GLY A 34 27.50 -18.20 -3.56
CA GLY A 34 28.54 -17.22 -3.83
C GLY A 34 28.01 -15.85 -4.14
N CYS A 35 26.69 -15.64 -4.10
CA CYS A 35 26.13 -14.31 -4.31
C CYS A 35 26.53 -13.31 -3.25
N THR A 36 26.54 -12.04 -3.65
CA THR A 36 26.69 -10.91 -2.75
C THR A 36 25.30 -10.62 -2.22
N VAL A 37 25.13 -10.68 -0.91
CA VAL A 37 23.81 -10.56 -0.30
C VAL A 37 23.79 -9.39 0.68
N THR A 38 22.73 -8.56 0.58
CA THR A 38 22.48 -7.46 1.52
C THR A 38 21.03 -7.57 1.94
N VAL A 39 20.73 -7.31 3.21
CA VAL A 39 19.35 -7.37 3.70
C VAL A 39 19.01 -6.03 4.35
N SER A 40 17.91 -5.42 3.91
CA SER A 40 17.34 -4.24 4.57
C SER A 40 16.20 -4.74 5.47
N ASP A 41 16.49 -4.83 6.76
CA ASP A 41 15.55 -5.29 7.78
C ASP A 41 14.79 -4.04 8.25
N LEU A 42 13.67 -3.77 7.61
CA LEU A 42 13.00 -2.47 7.76
C LEU A 42 12.59 -2.13 9.18
N TYR A 43 12.00 -3.08 9.88
CA TYR A 43 11.61 -2.83 11.23
C TYR A 43 12.81 -2.64 12.14
N ALA A 44 13.86 -3.45 11.99
CA ALA A 44 15.05 -3.31 12.82
C ALA A 44 15.73 -1.95 12.55
N MET A 45 15.69 -1.48 11.30
CA MET A 45 16.21 -0.15 10.90
C MET A 45 15.33 0.99 11.41
N ASN A 46 14.12 0.64 11.88
CA ASN A 46 13.03 1.62 12.15
C ASN A 46 12.84 2.57 10.95
N LEU A 47 12.75 2.00 9.75
CA LEU A 47 12.69 2.82 8.54
C LEU A 47 11.56 3.82 8.62
N GLU A 48 11.87 5.10 8.37
CA GLU A 48 10.85 6.14 8.22
C GLU A 48 9.92 5.81 7.05
N PRO A 49 8.60 5.69 7.30
CA PRO A 49 7.74 5.41 6.16
C PRO A 49 7.09 6.62 5.52
N ARG A 50 7.08 7.78 6.20
CA ARG A 50 6.29 8.91 5.78
C ARG A 50 7.08 9.74 4.78
N ALA A 51 6.40 10.12 3.71
CA ALA A 51 6.99 10.97 2.68
C ALA A 51 6.86 12.42 3.16
N THR A 52 7.96 12.97 3.68
CA THR A 52 7.97 14.35 4.20
C THR A 52 9.15 15.15 3.70
N ASP A 53 9.09 16.46 4.00
CA ASP A 53 10.15 17.39 3.62
C ASP A 53 11.45 17.13 4.36
N LYS A 54 11.43 16.31 5.39
CA LYS A 54 12.66 15.83 6.01
C LYS A 54 13.49 14.91 5.06
N ASP A 55 12.90 14.47 3.95
CA ASP A 55 13.58 13.63 2.96
C ASP A 55 14.53 14.39 2.05
N ILE A 56 14.39 15.71 2.01
CA ILE A 56 15.32 16.62 1.34
C ILE A 56 16.15 17.32 2.40
N THR A 57 17.48 17.25 2.28
CA THR A 57 18.35 17.94 3.21
C THR A 57 18.63 19.35 2.65
N GLY A 58 18.70 20.32 3.54
CA GLY A 58 18.86 21.72 3.17
C GLY A 58 17.59 22.36 2.63
N THR A 59 17.76 23.44 1.88
CA THR A 59 16.64 24.27 1.49
C THR A 59 15.90 23.71 0.27
N LEU A 60 14.58 23.78 0.37
CA LEU A 60 13.69 23.26 -0.66
C LEU A 60 13.71 24.18 -1.84
N SER A 61 13.34 23.62 -2.99
CA SER A 61 13.14 24.40 -4.19
C SER A 61 12.01 25.42 -3.98
N ASN A 62 10.86 24.96 -3.48
CA ASN A 62 9.72 25.83 -3.16
C ASN A 62 9.27 25.60 -1.71
N PRO A 63 9.85 26.34 -0.74
CA PRO A 63 9.45 26.20 0.69
C PRO A 63 7.97 26.52 1.05
N GLU A 64 7.28 27.30 0.22
CA GLU A 64 5.93 27.81 0.54
C GLU A 64 4.79 26.84 0.15
N VAL A 65 5.06 25.98 -0.83
CA VAL A 65 4.10 25.01 -1.37
C VAL A 65 4.92 23.78 -1.65
N PHE A 66 4.81 22.80 -0.75
CA PHE A 66 5.61 21.60 -0.77
C PHE A 66 5.00 20.54 -1.67
N ASN A 67 5.74 20.15 -2.69
CA ASN A 67 5.33 19.10 -3.62
C ASN A 67 6.38 18.00 -3.46
N TYR A 68 5.99 16.87 -2.83
CA TYR A 68 6.91 15.80 -2.50
C TYR A 68 7.64 15.29 -3.72
N GLY A 69 6.89 15.00 -4.78
CA GLY A 69 7.43 14.52 -6.04
C GLY A 69 8.49 15.42 -6.66
N VAL A 70 8.13 16.68 -6.82
CA VAL A 70 9.02 17.70 -7.42
C VAL A 70 10.27 17.84 -6.57
N GLU A 71 10.08 17.94 -5.25
CA GLU A 71 11.21 18.20 -4.36
C GLU A 71 12.20 17.05 -4.25
N THR A 72 11.70 15.80 -4.18
CA THR A 72 12.58 14.62 -4.18
C THR A 72 13.34 14.41 -5.50
N HIS A 73 12.65 14.66 -6.63
CA HIS A 73 13.29 14.60 -7.95
C HIS A 73 14.46 15.59 -8.03
N GLU A 74 14.23 16.80 -7.51
CA GLU A 74 15.28 17.83 -7.53
C GLU A 74 16.39 17.51 -6.56
N ALA A 75 16.02 16.96 -5.41
CA ALA A 75 16.99 16.52 -4.43
C ALA A 75 17.86 15.38 -4.98
N TYR A 76 17.23 14.46 -5.71
CA TYR A 76 17.99 13.37 -6.32
C TYR A 76 19.06 13.92 -7.26
N LYS A 77 18.66 14.86 -8.11
CA LYS A 77 19.62 15.48 -9.01
C LYS A 77 20.70 16.31 -8.32
N GLN A 78 20.36 17.00 -7.23
CA GLN A 78 21.31 17.84 -6.50
C GLN A 78 22.08 17.06 -5.42
N ARG A 79 21.79 15.77 -5.26
CA ARG A 79 22.41 14.88 -4.28
C ARG A 79 22.17 15.33 -2.84
N SER A 80 20.94 15.73 -2.56
CA SER A 80 20.54 16.23 -1.23
C SER A 80 19.35 15.46 -0.64
N LEU A 81 19.19 14.19 -1.00
CA LEU A 81 18.20 13.36 -0.35
C LEU A 81 18.74 12.90 1.00
N ALA A 82 17.83 12.57 1.92
CA ALA A 82 18.21 12.05 3.22
C ALA A 82 19.04 10.76 3.04
N SER A 83 19.99 10.54 3.96
CA SER A 83 20.94 9.41 3.86
C SER A 83 20.26 8.05 3.97
N ASP A 84 19.10 7.92 4.66
CA ASP A 84 18.42 6.62 4.71
C ASP A 84 17.97 6.21 3.30
N ILE A 85 17.45 7.19 2.57
CA ILE A 85 17.03 6.99 1.18
C ILE A 85 18.21 6.66 0.30
N THR A 86 19.26 7.49 0.38
CA THR A 86 20.41 7.29 -0.50
C THR A 86 21.11 5.96 -0.22
N ASP A 87 21.14 5.55 1.05
CA ASP A 87 21.72 4.28 1.41
C ASP A 87 20.93 3.11 0.76
N GLU A 88 19.61 3.19 0.71
CA GLU A 88 18.82 2.16 0.02
C GLU A 88 18.98 2.23 -1.48
N GLN A 89 19.08 3.43 -2.04
CA GLN A 89 19.31 3.57 -3.47
C GLN A 89 20.62 2.94 -3.92
N LYS A 90 21.71 3.16 -3.17
CA LYS A 90 22.98 2.45 -3.44
C LYS A 90 22.79 0.91 -3.52
N LYS A 91 22.06 0.36 -2.57
CA LYS A 91 21.84 -1.10 -2.50
C LYS A 91 21.03 -1.58 -3.70
N VAL A 92 19.99 -0.83 -4.09
CA VAL A 92 19.22 -1.17 -5.30
C VAL A 92 20.03 -1.03 -6.57
N ARG A 93 20.82 0.04 -6.69
CA ARG A 93 21.61 0.32 -7.90
C ARG A 93 22.55 -0.86 -8.20
N GLU A 94 23.14 -1.41 -7.15
CA GLU A 94 24.14 -2.51 -7.22
C GLU A 94 23.51 -3.89 -7.38
N ALA A 95 22.29 -4.06 -6.91
CA ALA A 95 21.62 -5.34 -6.96
C ALA A 95 21.21 -5.77 -8.38
N ASP A 96 21.43 -7.03 -8.69
CA ASP A 96 20.90 -7.65 -9.93
C ASP A 96 19.48 -8.21 -9.70
N LEU A 97 19.17 -8.51 -8.45
CA LEU A 97 17.90 -9.10 -8.02
C LEU A 97 17.51 -8.44 -6.71
N VAL A 98 16.24 -7.98 -6.58
CA VAL A 98 15.70 -7.47 -5.33
C VAL A 98 14.50 -8.38 -4.96
N ILE A 99 14.62 -9.06 -3.83
CA ILE A 99 13.58 -9.92 -3.26
C ILE A 99 12.88 -9.14 -2.18
N PHE A 100 11.55 -9.10 -2.22
CA PHE A 100 10.75 -8.45 -1.16
C PHE A 100 10.11 -9.56 -0.35
N GLN A 101 10.34 -9.54 0.96
CA GLN A 101 9.86 -10.60 1.86
C GLN A 101 8.93 -9.97 2.89
N PHE A 102 7.65 -10.32 2.82
CA PHE A 102 6.64 -9.67 3.66
C PHE A 102 5.38 -10.48 3.83
N PRO A 103 4.72 -10.28 4.96
CA PRO A 103 3.37 -10.74 5.08
C PRO A 103 2.36 -9.81 4.39
N LEU A 104 1.31 -10.39 3.81
CA LEU A 104 0.27 -9.61 3.15
C LEU A 104 -0.52 -8.85 4.20
N TYR A 105 -0.58 -7.52 4.04
CA TYR A 105 -1.35 -6.65 4.92
C TYR A 105 -2.35 -5.95 3.99
N TRP A 106 -3.62 -6.19 4.20
CA TRP A 106 -4.69 -5.50 3.43
C TRP A 106 -4.46 -5.57 1.90
N PHE A 107 -4.23 -6.81 1.43
CA PHE A 107 -4.04 -7.10 0.01
C PHE A 107 -2.82 -6.34 -0.58
N SER A 108 -1.87 -6.02 0.27
CA SER A 108 -0.74 -5.17 -0.14
C SER A 108 0.43 -5.40 0.80
N VAL A 109 1.43 -4.52 0.73
CA VAL A 109 2.56 -4.59 1.61
C VAL A 109 2.30 -3.91 2.95
N PRO A 110 2.95 -4.36 4.03
CA PRO A 110 2.92 -3.58 5.27
C PRO A 110 3.36 -2.16 5.04
N ALA A 111 2.78 -1.23 5.77
CA ALA A 111 3.11 0.20 5.57
C ALA A 111 4.60 0.55 5.58
N ILE A 112 5.40 -0.09 6.46
CA ILE A 112 6.85 0.22 6.51
C ILE A 112 7.52 -0.04 5.15
N LEU A 113 7.09 -1.13 4.50
CA LEU A 113 7.54 -1.47 3.17
C LEU A 113 6.92 -0.56 2.11
N LYS A 114 5.66 -0.16 2.29
CA LYS A 114 5.07 0.79 1.37
C LYS A 114 5.90 2.08 1.43
N GLY A 115 6.41 2.42 2.61
CA GLY A 115 7.23 3.60 2.79
C GLY A 115 8.56 3.53 2.10
N TRP A 116 9.20 2.37 2.19
CA TRP A 116 10.38 2.11 1.40
C TRP A 116 10.14 2.40 -0.09
N MET A 117 9.05 1.84 -0.63
CA MET A 117 8.73 2.01 -2.03
CA MET A 117 8.70 2.01 -2.05
C MET A 117 8.51 3.49 -2.36
N ASP A 118 7.70 4.15 -1.52
CA ASP A 118 7.37 5.55 -1.76
C ASP A 118 8.60 6.46 -1.71
N ARG A 119 9.51 6.19 -0.79
CA ARG A 119 10.63 7.10 -0.57
C ARG A 119 11.92 6.74 -1.32
N VAL A 120 12.17 5.46 -1.56
CA VAL A 120 13.40 5.06 -2.25
C VAL A 120 13.25 5.22 -3.78
N LEU A 121 12.06 4.90 -4.31
CA LEU A 121 11.88 4.79 -5.76
C LEU A 121 11.48 6.16 -6.33
N CYS A 122 12.36 7.16 -6.15
CA CYS A 122 12.03 8.51 -6.56
C CYS A 122 12.32 8.80 -8.02
N GLN A 123 11.72 9.89 -8.52
CA GLN A 123 11.92 10.29 -9.90
C GLN A 123 13.39 10.66 -10.03
N GLY A 124 13.99 10.32 -11.16
CA GLY A 124 15.42 10.47 -11.42
C GLY A 124 16.23 9.22 -11.07
N PHE A 125 15.82 8.46 -10.05
CA PHE A 125 16.51 7.25 -9.64
C PHE A 125 15.82 6.00 -10.22
N ALA A 126 14.49 5.88 -10.02
CA ALA A 126 13.79 4.65 -10.45
C ALA A 126 13.02 4.83 -11.73
N PHE A 127 12.61 6.06 -12.06
CA PHE A 127 11.89 6.31 -13.30
C PHE A 127 12.08 7.80 -13.64
N ASP A 128 11.65 8.17 -14.83
CA ASP A 128 11.67 9.56 -15.26
C ASP A 128 10.67 9.66 -16.40
N ILE A 129 10.46 10.86 -16.92
CA ILE A 129 9.81 11.08 -18.18
C ILE A 129 10.91 11.45 -19.18
N PRO A 130 11.22 10.60 -20.15
CA PRO A 130 10.64 9.28 -20.31
C PRO A 130 11.39 8.30 -19.43
N GLY A 131 11.00 7.04 -19.38
CA GLY A 131 11.73 6.13 -18.53
C GLY A 131 10.88 5.37 -17.55
N PHE A 132 9.77 4.81 -18.03
CA PHE A 132 8.88 4.01 -17.20
C PHE A 132 8.45 2.74 -17.94
N TYR A 133 7.86 1.80 -17.21
CA TYR A 133 7.55 0.48 -17.69
C TYR A 133 8.83 -0.17 -18.25
N ASP A 134 8.84 -0.69 -19.49
CA ASP A 134 10.06 -1.33 -20.01
C ASP A 134 11.31 -0.41 -20.07
N SER A 135 11.13 0.89 -20.13
CA SER A 135 12.23 1.83 -20.20
CA SER A 135 12.22 1.86 -20.20
C SER A 135 12.50 2.48 -18.83
N GLY A 136 11.95 1.90 -17.76
CA GLY A 136 12.25 2.34 -16.39
C GLY A 136 13.74 2.32 -16.09
N LEU A 137 14.16 3.19 -15.17
CA LEU A 137 15.59 3.39 -14.91
C LEU A 137 16.28 2.19 -14.25
N LEU A 138 15.53 1.31 -13.66
CA LEU A 138 16.07 0.05 -13.14
C LEU A 138 15.96 -1.11 -14.15
N GLN A 139 15.78 -0.81 -15.45
CA GLN A 139 15.66 -1.85 -16.47
C GLN A 139 16.84 -2.85 -16.40
N GLY A 140 16.52 -4.11 -16.65
CA GLY A 140 17.49 -5.18 -16.54
C GLY A 140 17.50 -5.89 -15.19
N LYS A 141 17.19 -5.17 -14.10
CA LYS A 141 17.20 -5.80 -12.78
C LYS A 141 15.97 -6.70 -12.63
N LEU A 142 16.08 -7.69 -11.77
CA LEU A 142 14.99 -8.63 -11.48
C LEU A 142 14.38 -8.26 -10.16
N ALA A 143 13.09 -8.56 -9.99
CA ALA A 143 12.40 -8.35 -8.72
C ALA A 143 11.47 -9.55 -8.48
N LEU A 144 11.31 -9.90 -7.23
CA LEU A 144 10.53 -11.06 -6.81
C LEU A 144 9.79 -10.75 -5.57
N LEU A 145 8.47 -10.97 -5.57
CA LEU A 145 7.69 -10.81 -4.32
C LEU A 145 7.53 -12.16 -3.62
N SER A 146 8.03 -12.26 -2.39
CA SER A 146 7.86 -13.43 -1.53
C SER A 146 6.94 -13.01 -0.39
N VAL A 147 5.70 -13.51 -0.49
CA VAL A 147 4.60 -13.04 0.33
CA VAL A 147 4.54 -13.04 0.25
C VAL A 147 3.95 -14.21 1.04
N THR A 148 3.58 -13.97 2.28
CA THR A 148 2.89 -14.96 3.04
C THR A 148 1.48 -14.43 3.26
N THR A 149 0.49 -15.30 3.39
CA THR A 149 -0.91 -14.84 3.59
C THR A 149 -1.55 -15.46 4.81
N GLY A 150 -2.64 -14.85 5.28
CA GLY A 150 -3.55 -15.49 6.18
C GLY A 150 -4.46 -16.45 5.44
N GLY A 151 -4.89 -16.04 4.25
CA GLY A 151 -5.86 -16.85 3.48
C GLY A 151 -5.25 -18.04 2.74
N THR A 152 -6.04 -19.09 2.57
CA THR A 152 -5.58 -20.31 1.94
C THR A 152 -5.59 -20.15 0.43
N ALA A 153 -4.87 -21.02 -0.29
CA ALA A 153 -4.83 -20.97 -1.76
C ALA A 153 -6.23 -21.06 -2.41
N GLU A 154 -7.12 -21.86 -1.81
CA GLU A 154 -8.44 -22.10 -2.43
C GLU A 154 -9.34 -20.84 -2.27
N MET A 155 -9.07 -20.01 -1.26
CA MET A 155 -9.72 -18.71 -1.09
C MET A 155 -9.28 -17.66 -2.10
N TYR A 156 -8.09 -17.81 -2.64
CA TYR A 156 -7.53 -16.86 -3.59
C TYR A 156 -7.71 -17.38 -5.02
N THR A 157 -8.94 -17.77 -5.36
CA THR A 157 -9.32 -18.15 -6.74
C THR A 157 -10.29 -17.13 -7.32
N LYS A 158 -10.43 -17.16 -8.65
CA LYS A 158 -11.40 -16.32 -9.36
C LYS A 158 -12.80 -16.45 -8.76
N THR A 159 -13.19 -17.66 -8.40
CA THR A 159 -14.52 -17.91 -7.85
C THR A 159 -14.63 -17.80 -6.31
N GLY A 160 -13.54 -17.54 -5.60
CA GLY A 160 -13.55 -17.41 -4.13
C GLY A 160 -13.73 -15.97 -3.66
N VAL A 161 -13.97 -15.79 -2.35
CA VAL A 161 -14.36 -14.48 -1.79
C VAL A 161 -13.28 -13.41 -2.03
N ASN A 162 -12.02 -13.79 -1.95
CA ASN A 162 -10.93 -12.83 -2.03
C ASN A 162 -10.47 -12.52 -3.45
N GLY A 163 -10.99 -13.22 -4.46
CA GLY A 163 -10.46 -13.09 -5.82
C GLY A 163 -9.11 -13.80 -6.02
N ASP A 164 -8.70 -13.89 -7.27
CA ASP A 164 -7.37 -14.44 -7.65
C ASP A 164 -6.27 -13.69 -6.91
N SER A 165 -5.25 -14.43 -6.43
CA SER A 165 -4.13 -13.81 -5.78
C SER A 165 -3.48 -12.81 -6.75
N ARG A 166 -3.52 -13.11 -8.07
CA ARG A 166 -2.94 -12.22 -9.09
C ARG A 166 -3.52 -10.79 -9.08
N TYR A 167 -4.77 -10.64 -8.65
CA TYR A 167 -5.41 -9.36 -8.63
C TYR A 167 -4.70 -8.44 -7.66
N PHE A 168 -4.42 -8.91 -6.45
CA PHE A 168 -3.65 -8.08 -5.50
C PHE A 168 -2.19 -7.83 -5.88
N LEU A 169 -1.62 -8.67 -6.74
CA LEU A 169 -0.27 -8.44 -7.18
C LEU A 169 -0.10 -7.24 -8.13
N TRP A 170 -1.17 -6.83 -8.79
CA TRP A 170 -1.11 -5.79 -9.86
C TRP A 170 -0.46 -4.48 -9.45
N PRO A 171 -0.91 -3.87 -8.35
CA PRO A 171 -0.25 -2.61 -7.96
C PRO A 171 1.24 -2.73 -7.61
N LEU A 172 1.65 -3.89 -7.12
CA LEU A 172 3.06 -4.15 -6.74
C LEU A 172 3.91 -4.49 -7.93
N GLN A 173 3.49 -5.51 -8.67
CA GLN A 173 4.24 -6.04 -9.82
C GLN A 173 4.25 -5.07 -10.98
N HIS A 174 3.08 -4.58 -11.37
CA HIS A 174 2.95 -3.71 -12.51
C HIS A 174 3.09 -2.24 -12.15
N GLY A 175 2.25 -1.79 -11.22
CA GLY A 175 2.22 -0.39 -10.84
C GLY A 175 3.52 0.14 -10.23
N THR A 176 4.34 -0.74 -9.65
CA THR A 176 5.55 -0.33 -8.98
C THR A 176 6.78 -0.92 -9.69
N LEU A 177 6.93 -2.26 -9.65
CA LEU A 177 8.14 -2.90 -10.10
C LEU A 177 8.35 -2.78 -11.63
N HIS A 178 7.37 -3.18 -12.42
CA HIS A 178 7.46 -2.97 -13.86
C HIS A 178 7.60 -1.49 -14.21
N PHE A 179 6.87 -0.62 -13.51
CA PHE A 179 6.90 0.80 -13.80
C PHE A 179 8.32 1.35 -13.73
N CYS A 180 9.10 0.84 -12.77
CA CYS A 180 10.48 1.22 -12.56
C CYS A 180 11.49 0.46 -13.45
N GLY A 181 10.97 -0.38 -14.32
CA GLY A 181 11.76 -1.15 -15.25
C GLY A 181 12.22 -2.55 -14.85
N PHE A 182 11.81 -3.01 -13.68
CA PHE A 182 12.19 -4.35 -13.23
C PHE A 182 11.53 -5.41 -14.11
N LYS A 183 12.17 -6.56 -14.21
CA LYS A 183 11.63 -7.73 -14.87
C LYS A 183 11.16 -8.44 -13.61
N VAL A 184 9.94 -8.96 -13.61
CA VAL A 184 9.33 -9.50 -12.44
C VAL A 184 9.40 -11.01 -12.55
N LEU A 185 10.03 -11.65 -11.57
CA LEU A 185 10.01 -13.09 -11.52
C LEU A 185 8.68 -13.50 -10.93
N ALA A 186 8.20 -14.71 -11.24
CA ALA A 186 6.95 -15.17 -10.63
C ALA A 186 6.94 -14.99 -9.10
N PRO A 187 5.80 -14.66 -8.51
CA PRO A 187 5.69 -14.45 -7.07
C PRO A 187 5.88 -15.76 -6.34
N GLN A 188 6.51 -15.70 -5.15
CA GLN A 188 6.52 -16.86 -4.25
C GLN A 188 5.45 -16.61 -3.21
N ILE A 189 4.31 -17.28 -3.34
CA ILE A 189 3.24 -17.15 -2.37
C ILE A 189 3.23 -18.35 -1.42
N SER A 190 3.45 -18.08 -0.12
CA SER A 190 3.45 -19.08 0.92
C SER A 190 2.12 -18.90 1.65
N PHE A 191 1.13 -19.71 1.25
CA PHE A 191 -0.26 -19.53 1.68
C PHE A 191 -0.49 -20.01 3.10
N ALA A 192 -1.07 -19.15 3.91
CA ALA A 192 -1.63 -19.54 5.20
C ALA A 192 -0.72 -20.36 6.10
N PRO A 193 0.54 -19.92 6.31
CA PRO A 193 1.38 -20.68 7.24
C PRO A 193 0.83 -20.84 8.67
N GLU A 194 0.05 -19.88 9.16
CA GLU A 194 -0.49 -20.01 10.51
C GLU A 194 -1.47 -21.17 10.64
N ILE A 195 -2.18 -21.50 9.56
CA ILE A 195 -3.20 -22.58 9.47
C ILE A 195 -2.62 -23.92 9.02
N ALA A 196 -1.66 -23.86 8.13
CA ALA A 196 -0.97 -25.05 7.61
C ALA A 196 -0.38 -25.93 8.70
N SER A 197 -0.30 -27.23 8.45
CA SER A 197 0.42 -28.13 9.35
C SER A 197 1.93 -27.81 9.32
N GLU A 198 2.62 -28.23 10.39
CA GLU A 198 4.09 -28.16 10.48
C GLU A 198 4.79 -28.70 9.23
N GLU A 199 4.36 -29.86 8.76
CA GLU A 199 4.99 -30.47 7.56
CA GLU A 199 5.00 -30.47 7.57
C GLU A 199 4.66 -29.71 6.29
N GLU A 200 3.48 -29.09 6.22
CA GLU A 200 3.18 -28.23 5.07
C GLU A 200 4.10 -27.01 5.11
N ARG A 201 4.34 -26.47 6.30
CA ARG A 201 5.24 -25.31 6.46
CA ARG A 201 5.23 -25.32 6.45
C ARG A 201 6.64 -25.67 6.05
N LYS A 202 7.10 -26.84 6.46
CA LYS A 202 8.42 -27.30 6.03
C LYS A 202 8.52 -27.48 4.53
N GLY A 203 7.47 -28.00 3.91
CA GLY A 203 7.38 -28.07 2.45
C GLY A 203 7.52 -26.71 1.79
N MET A 204 6.84 -25.70 2.34
CA MET A 204 6.94 -24.35 1.81
C MET A 204 8.33 -23.76 1.97
N VAL A 205 9.00 -24.06 3.07
CA VAL A 205 10.38 -23.58 3.25
C VAL A 205 11.31 -24.26 2.23
N ALA A 206 11.15 -25.58 2.12
CA ALA A 206 11.93 -26.42 1.17
C ALA A 206 11.73 -25.99 -0.27
N ALA A 207 10.50 -25.60 -0.59
CA ALA A 207 10.17 -25.18 -1.95
C ALA A 207 10.88 -23.89 -2.26
N TRP A 208 10.91 -22.96 -1.33
CA TRP A 208 11.58 -21.65 -1.55
C TRP A 208 13.10 -21.89 -1.68
N SER A 209 13.64 -22.70 -0.78
CA SER A 209 15.07 -23.07 -0.86
C SER A 209 15.38 -23.64 -2.23
N GLN A 210 14.59 -24.60 -2.68
CA GLN A 210 14.78 -25.21 -3.98
C GLN A 210 14.72 -24.21 -5.11
N ARG A 211 13.70 -23.36 -5.08
CA ARG A 211 13.55 -22.38 -6.11
C ARG A 211 14.79 -21.48 -6.23
N LEU A 212 15.33 -21.12 -5.07
CA LEU A 212 16.48 -20.22 -5.01
C LEU A 212 17.71 -20.80 -5.69
N GLN A 213 17.85 -22.12 -5.65
CA GLN A 213 18.93 -22.82 -6.32
C GLN A 213 19.01 -22.53 -7.84
N THR A 214 17.87 -22.34 -8.50
CA THR A 214 17.82 -22.11 -9.96
C THR A 214 17.22 -20.75 -10.31
N ILE A 215 17.25 -19.78 -9.38
CA ILE A 215 16.59 -18.47 -9.57
C ILE A 215 17.14 -17.71 -10.77
N TRP A 216 18.43 -17.89 -11.05
CA TRP A 216 19.11 -17.19 -12.14
C TRP A 216 18.77 -17.77 -13.52
N LYS A 217 18.16 -18.95 -13.58
CA LYS A 217 17.73 -19.57 -14.84
C LYS A 217 16.29 -19.21 -15.23
N GLU A 218 15.58 -18.52 -14.35
CA GLU A 218 14.14 -18.28 -14.57
C GLU A 218 13.93 -17.22 -15.64
N GLU A 219 12.82 -17.37 -16.36
CA GLU A 219 12.28 -16.36 -17.26
C GLU A 219 11.34 -15.47 -16.41
N PRO A 220 11.38 -14.16 -16.59
CA PRO A 220 10.38 -13.35 -15.89
C PRO A 220 8.96 -13.56 -16.46
N ILE A 221 7.95 -13.11 -15.73
CA ILE A 221 6.58 -13.22 -16.20
C ILE A 221 6.29 -12.11 -17.20
N PRO A 222 5.20 -12.31 -18.04
CA PRO A 222 4.89 -11.16 -18.88
C PRO A 222 3.99 -10.31 -17.96
N CYS A 223 4.49 -9.16 -17.53
CA CYS A 223 3.75 -8.31 -16.57
C CYS A 223 2.72 -7.45 -17.27
N THR A 224 1.63 -8.11 -17.61
CA THR A 224 0.57 -7.48 -18.39
C THR A 224 -0.73 -7.50 -17.60
N ALA A 225 -1.67 -6.64 -18.00
CA ALA A 225 -3.04 -6.74 -17.52
C ALA A 225 -3.58 -8.17 -17.77
N HIS A 226 -3.30 -8.72 -18.95
CA HIS A 226 -3.76 -10.06 -19.25
C HIS A 226 -3.22 -11.12 -18.28
N TRP A 227 -1.97 -11.01 -17.87
CA TRP A 227 -1.41 -11.98 -16.92
C TRP A 227 -2.15 -11.90 -15.57
N HIS A 228 -2.41 -10.69 -15.15
CA HIS A 228 -3.04 -10.47 -13.83
C HIS A 228 -4.54 -10.78 -13.79
N PHE A 229 -5.25 -10.44 -14.87
CA PHE A 229 -6.72 -10.41 -14.88
C PHE A 229 -7.40 -11.31 -15.92
N GLY A 230 -6.65 -11.93 -16.83
CA GLY A 230 -7.19 -13.02 -17.67
C GLY A 230 -7.93 -12.49 -18.88
N GLY B 3 -29.01 13.89 11.56
CA GLY B 3 -27.63 14.50 11.60
C GLY B 3 -26.49 13.51 11.37
N LYS B 4 -25.87 13.60 10.19
CA LYS B 4 -24.86 12.65 9.74
C LYS B 4 -23.45 13.08 10.16
N LYS B 5 -22.63 12.08 10.46
CA LYS B 5 -21.26 12.30 10.92
C LYS B 5 -20.31 11.80 9.85
N VAL B 6 -19.32 12.60 9.54
CA VAL B 6 -18.36 12.31 8.48
C VAL B 6 -16.96 12.38 9.05
N LEU B 7 -16.12 11.38 8.71
CA LEU B 7 -14.72 11.37 9.05
C LEU B 7 -13.98 11.47 7.74
N ILE B 8 -13.10 12.43 7.62
CA ILE B 8 -12.23 12.50 6.47
C ILE B 8 -10.81 12.11 6.93
N VAL B 9 -10.28 11.03 6.36
CA VAL B 9 -8.92 10.62 6.65
C VAL B 9 -8.11 11.15 5.47
N TYR B 10 -7.25 12.10 5.76
CA TYR B 10 -6.60 12.99 4.77
C TYR B 10 -5.11 12.75 4.87
N ALA B 11 -4.52 12.46 3.71
CA ALA B 11 -3.10 12.13 3.62
C ALA B 11 -2.40 12.97 2.55
N HIS B 12 -2.13 14.23 2.88
CA HIS B 12 -1.33 15.11 2.02
C HIS B 12 -0.49 16.07 2.89
N GLN B 13 0.76 16.26 2.50
CA GLN B 13 1.70 17.12 3.21
C GLN B 13 1.45 18.64 3.22
N GLU B 14 0.89 19.14 2.12
CA GLU B 14 0.69 20.57 1.88
C GLU B 14 -0.78 21.03 1.91
N PRO B 15 -1.15 21.99 2.76
CA PRO B 15 -2.59 22.33 2.74
C PRO B 15 -3.07 23.04 1.48
N LYS B 16 -2.16 23.70 0.74
CA LYS B 16 -2.50 24.41 -0.50
C LYS B 16 -2.49 23.49 -1.71
N SER B 17 -2.24 22.21 -1.52
CA SER B 17 -2.27 21.26 -2.62
C SER B 17 -3.69 21.09 -3.18
N PHE B 18 -3.76 20.43 -4.33
CA PHE B 18 -5.02 20.03 -4.90
C PHE B 18 -5.74 19.10 -3.93
N ASN B 19 -5.01 18.16 -3.30
CA ASN B 19 -5.65 17.34 -2.22
C ASN B 19 -6.20 18.18 -1.07
N GLY B 20 -5.44 19.18 -0.64
CA GLY B 20 -5.89 20.11 0.42
C GLY B 20 -7.14 20.83 0.02
N SER B 21 -7.16 21.25 -1.23
CA SER B 21 -8.36 21.88 -1.76
C SER B 21 -9.62 20.99 -1.75
N LEU B 22 -9.44 19.74 -2.15
CA LEU B 22 -10.56 18.77 -2.12
C LEU B 22 -10.97 18.43 -0.71
N LYS B 23 -10.02 18.30 0.22
CA LYS B 23 -10.36 18.16 1.61
C LYS B 23 -11.20 19.35 2.12
N ASN B 24 -10.71 20.56 1.86
CA ASN B 24 -11.41 21.79 2.28
C ASN B 24 -12.81 21.93 1.72
N VAL B 25 -12.98 21.58 0.45
CA VAL B 25 -14.29 21.63 -0.17
C VAL B 25 -15.26 20.64 0.51
N ALA B 26 -14.73 19.50 0.92
CA ALA B 26 -15.53 18.49 1.62
C ALA B 26 -15.91 19.02 3.00
N VAL B 27 -14.96 19.56 3.76
CA VAL B 27 -15.29 20.19 5.08
C VAL B 27 -16.34 21.31 4.91
N ASP B 28 -16.11 22.20 3.94
CA ASP B 28 -16.99 23.35 3.71
C ASP B 28 -18.41 22.94 3.34
N GLU B 29 -18.53 22.04 2.37
CA GLU B 29 -19.82 21.63 1.87
C GLU B 29 -20.57 20.81 2.91
N LEU B 30 -19.88 19.86 3.51
CA LEU B 30 -20.54 19.04 4.54
C LEU B 30 -20.90 19.89 5.78
N SER B 31 -20.05 20.86 6.13
CA SER B 31 -20.32 21.75 7.26
C SER B 31 -21.56 22.59 6.94
N ARG B 32 -21.63 23.10 5.72
CA ARG B 32 -22.78 23.90 5.27
C ARG B 32 -24.07 23.13 5.42
N GLN B 33 -24.05 21.88 4.96
CA GLN B 33 -25.21 20.99 5.10
C GLN B 33 -25.66 20.74 6.55
N GLY B 34 -24.79 20.97 7.54
CA GLY B 34 -25.14 20.72 8.94
C GLY B 34 -24.57 19.41 9.49
N CYS B 35 -23.80 18.70 8.68
CA CYS B 35 -23.13 17.47 9.12
C CYS B 35 -22.06 17.75 10.16
N THR B 36 -21.77 16.73 10.94
CA THR B 36 -20.67 16.75 11.88
C THR B 36 -19.45 16.21 11.15
N VAL B 37 -18.34 16.96 11.21
CA VAL B 37 -17.20 16.69 10.38
C VAL B 37 -15.93 16.63 11.25
N THR B 38 -15.18 15.56 11.07
CA THR B 38 -13.89 15.42 11.71
C THR B 38 -12.89 15.03 10.65
N VAL B 39 -11.71 15.64 10.71
CA VAL B 39 -10.63 15.32 9.77
C VAL B 39 -9.43 14.79 10.57
N SER B 40 -8.94 13.61 10.15
CA SER B 40 -7.66 13.04 10.63
C SER B 40 -6.61 13.42 9.59
N ASP B 41 -5.85 14.46 9.89
CA ASP B 41 -4.80 14.99 9.00
C ASP B 41 -3.52 14.25 9.35
N LEU B 42 -3.32 13.11 8.65
CA LEU B 42 -2.33 12.16 9.11
C LEU B 42 -0.93 12.76 9.20
N TYR B 43 -0.52 13.55 8.21
CA TYR B 43 0.84 14.11 8.27
C TYR B 43 1.00 15.12 9.40
N ALA B 44 -0.04 15.93 9.62
CA ALA B 44 0.04 16.94 10.67
C ALA B 44 0.04 16.21 12.02
N MET B 45 -0.63 15.08 12.11
CA MET B 45 -0.65 14.27 13.34
C MET B 45 0.67 13.50 13.52
N ASN B 46 1.51 13.46 12.48
CA ASN B 46 2.64 12.57 12.41
C ASN B 46 2.29 11.13 12.83
N LEU B 47 1.20 10.63 12.26
CA LEU B 47 0.66 9.32 12.61
C LEU B 47 1.72 8.24 12.43
N GLU B 48 1.90 7.40 13.46
CA GLU B 48 2.79 6.23 13.39
C GLU B 48 2.27 5.29 12.31
N PRO B 49 3.07 5.01 11.27
CA PRO B 49 2.59 4.02 10.30
C PRO B 49 3.00 2.59 10.55
N ARG B 50 4.05 2.36 11.34
CA ARG B 50 4.62 1.04 11.47
C ARG B 50 3.80 0.19 12.42
N ALA B 51 3.60 -1.05 12.04
CA ALA B 51 2.97 -2.03 12.93
C ALA B 51 3.99 -2.60 13.88
N THR B 52 4.03 -2.14 15.14
CA THR B 52 5.02 -2.68 16.08
C THR B 52 4.40 -3.06 17.40
N ASP B 53 5.20 -3.72 18.21
CA ASP B 53 4.76 -4.08 19.59
C ASP B 53 4.45 -2.89 20.50
N LYS B 54 4.88 -1.66 20.16
CA LYS B 54 4.47 -0.46 20.88
C LYS B 54 2.96 -0.17 20.75
N ASP B 55 2.28 -0.86 19.84
CA ASP B 55 0.85 -0.68 19.68
C ASP B 55 0.03 -1.36 20.75
N ILE B 56 0.65 -2.29 21.49
CA ILE B 56 0.03 -2.92 22.67
C ILE B 56 0.61 -2.24 23.92
N THR B 57 -0.25 -1.60 24.72
CA THR B 57 0.21 -0.68 25.80
C THR B 57 0.16 -1.25 27.19
N GLY B 58 -0.14 -2.53 27.31
CA GLY B 58 -0.13 -3.14 28.60
C GLY B 58 -1.09 -4.29 28.64
N THR B 59 -1.29 -4.81 29.86
CA THR B 59 -2.00 -6.07 30.12
C THR B 59 -1.21 -7.32 29.56
N PRO B 63 5.67 -11.40 24.90
CA PRO B 63 5.96 -12.80 24.80
C PRO B 63 7.28 -13.06 24.01
N GLU B 64 7.72 -14.30 24.08
CA GLU B 64 8.83 -14.88 23.30
C GLU B 64 8.84 -14.55 21.77
N VAL B 65 7.72 -14.78 21.10
CA VAL B 65 7.57 -14.67 19.64
C VAL B 65 6.42 -13.72 19.34
N PHE B 66 6.69 -12.54 18.78
CA PHE B 66 5.68 -11.52 18.56
C PHE B 66 4.93 -11.65 17.22
N ASN B 67 3.61 -11.85 17.29
CA ASN B 67 2.71 -11.96 16.13
C ASN B 67 1.79 -10.73 16.19
N TYR B 68 2.04 -9.73 15.36
CA TYR B 68 1.25 -8.49 15.43
C TYR B 68 -0.26 -8.66 15.41
N GLY B 69 -0.75 -9.48 14.48
CA GLY B 69 -2.20 -9.77 14.33
C GLY B 69 -2.83 -10.37 15.60
N VAL B 70 -2.17 -11.39 16.12
CA VAL B 70 -2.59 -12.05 17.38
C VAL B 70 -2.62 -11.10 18.58
N GLU B 71 -1.54 -10.38 18.78
CA GLU B 71 -1.39 -9.51 19.94
C GLU B 71 -2.31 -8.31 19.91
N THR B 72 -2.50 -7.71 18.72
CA THR B 72 -3.41 -6.56 18.57
C THR B 72 -4.87 -7.00 18.75
N HIS B 73 -5.23 -8.18 18.25
CA HIS B 73 -6.58 -8.68 18.45
C HIS B 73 -6.86 -8.82 19.96
N GLU B 74 -6.00 -9.55 20.66
CA GLU B 74 -6.14 -9.70 22.09
C GLU B 74 -6.09 -8.32 22.78
N ALA B 75 -5.19 -7.43 22.35
CA ALA B 75 -5.11 -6.06 22.97
C ALA B 75 -6.40 -5.26 22.80
N TYR B 76 -7.00 -5.32 21.62
CA TYR B 76 -8.28 -4.68 21.38
C TYR B 76 -9.32 -5.19 22.39
N LYS B 77 -9.43 -6.50 22.56
CA LYS B 77 -10.35 -7.06 23.58
C LYS B 77 -10.03 -6.69 25.04
N GLN B 78 -8.77 -6.50 25.38
CA GLN B 78 -8.37 -6.05 26.70
C GLN B 78 -8.29 -4.52 26.81
N ARG B 79 -8.77 -3.81 25.79
CA ARG B 79 -8.76 -2.34 25.77
C ARG B 79 -7.39 -1.79 26.06
N SER B 80 -6.39 -2.37 25.40
CA SER B 80 -5.00 -2.05 25.67
C SER B 80 -4.22 -1.71 24.41
N LEU B 81 -4.90 -1.16 23.39
CA LEU B 81 -4.19 -0.62 22.22
C LEU B 81 -3.71 0.80 22.47
N ALA B 82 -2.71 1.21 21.71
CA ALA B 82 -2.19 2.56 21.83
C ALA B 82 -3.27 3.62 21.61
N SER B 83 -3.10 4.75 22.25
CA SER B 83 -4.15 5.74 22.21
C SER B 83 -4.37 6.31 20.84
N ASP B 84 -3.36 6.39 19.98
CA ASP B 84 -3.60 6.93 18.63
C ASP B 84 -4.59 6.05 17.89
N ILE B 85 -4.42 4.74 18.04
CA ILE B 85 -5.31 3.75 17.44
C ILE B 85 -6.72 3.88 18.01
N THR B 86 -6.81 3.89 19.33
CA THR B 86 -8.11 3.90 20.02
C THR B 86 -8.89 5.19 19.68
N ASP B 87 -8.18 6.31 19.54
CA ASP B 87 -8.79 7.57 19.09
C ASP B 87 -9.31 7.52 17.67
N GLU B 88 -8.55 6.95 16.73
CA GLU B 88 -9.06 6.76 15.39
C GLU B 88 -10.26 5.83 15.33
N GLN B 89 -10.23 4.77 16.15
CA GLN B 89 -11.34 3.84 16.17
C GLN B 89 -12.60 4.50 16.68
N LYS B 90 -12.46 5.38 17.67
CA LYS B 90 -13.62 6.12 18.15
C LYS B 90 -14.25 6.97 17.00
N LYS B 91 -13.41 7.64 16.23
CA LYS B 91 -13.87 8.49 15.09
C LYS B 91 -14.59 7.67 14.04
N VAL B 92 -14.01 6.51 13.70
CA VAL B 92 -14.65 5.59 12.80
C VAL B 92 -15.99 5.07 13.33
N ARG B 93 -16.03 4.67 14.60
CA ARG B 93 -17.24 4.12 15.22
C ARG B 93 -18.39 5.12 15.12
N GLU B 94 -18.09 6.40 15.32
CA GLU B 94 -19.10 7.52 15.31
C GLU B 94 -19.59 7.92 13.91
N ALA B 95 -18.72 7.72 12.94
CA ALA B 95 -18.94 8.13 11.57
C ALA B 95 -19.95 7.28 10.78
N ASP B 96 -20.79 7.95 10.04
CA ASP B 96 -21.68 7.34 9.08
C ASP B 96 -21.00 7.16 7.72
N LEU B 97 -20.11 8.10 7.40
CA LEU B 97 -19.32 8.08 6.15
C LEU B 97 -17.88 8.37 6.48
N VAL B 98 -16.98 7.59 5.91
CA VAL B 98 -15.56 7.86 5.97
C VAL B 98 -15.06 8.14 4.56
N ILE B 99 -14.56 9.36 4.35
CA ILE B 99 -13.94 9.75 3.09
C ILE B 99 -12.40 9.66 3.26
N PHE B 100 -11.73 8.95 2.35
CA PHE B 100 -10.27 8.95 2.29
C PHE B 100 -9.84 9.86 1.16
N GLN B 101 -9.03 10.86 1.47
CA GLN B 101 -8.57 11.88 0.52
C GLN B 101 -7.06 11.76 0.39
N PHE B 102 -6.59 11.38 -0.78
CA PHE B 102 -5.15 11.07 -0.93
C PHE B 102 -4.69 11.09 -2.39
N PRO B 103 -3.41 11.43 -2.59
CA PRO B 103 -2.80 11.21 -3.90
C PRO B 103 -2.39 9.75 -4.03
N LEU B 104 -2.58 9.19 -5.22
CA LEU B 104 -2.18 7.82 -5.49
C LEU B 104 -0.65 7.80 -5.49
N TYR B 105 -0.13 6.86 -4.69
CA TYR B 105 1.30 6.59 -4.59
C TYR B 105 1.46 5.12 -4.92
N TRP B 106 2.12 4.81 -6.02
CA TRP B 106 2.38 3.43 -6.41
C TRP B 106 1.12 2.56 -6.44
N PHE B 107 0.12 3.08 -7.16
CA PHE B 107 -1.16 2.41 -7.39
C PHE B 107 -1.90 2.10 -6.07
N SER B 108 -1.60 2.85 -5.01
CA SER B 108 -2.19 2.57 -3.70
C SER B 108 -2.20 3.86 -2.87
N VAL B 109 -2.40 3.72 -1.56
CA VAL B 109 -2.36 4.84 -0.67
C VAL B 109 -0.94 5.17 -0.28
N PRO B 110 -0.68 6.44 0.01
CA PRO B 110 0.61 6.73 0.64
C PRO B 110 0.82 5.91 1.91
N ALA B 111 2.08 5.60 2.19
CA ALA B 111 2.44 4.75 3.34
C ALA B 111 1.82 5.21 4.68
N ILE B 112 1.74 6.54 4.91
CA ILE B 112 1.13 7.01 6.18
C ILE B 112 -0.33 6.56 6.34
N LEU B 113 -1.08 6.55 5.23
CA LEU B 113 -2.44 6.09 5.21
C LEU B 113 -2.51 4.59 5.22
N LYS B 114 -1.59 3.91 4.53
CA LYS B 114 -1.49 2.47 4.70
C LYS B 114 -1.29 2.10 6.18
N GLY B 115 -0.47 2.85 6.90
CA GLY B 115 -0.29 2.62 8.33
C GLY B 115 -1.58 2.80 9.12
N TRP B 116 -2.38 3.81 8.76
CA TRP B 116 -3.71 3.98 9.38
C TRP B 116 -4.59 2.73 9.18
N MET B 117 -4.63 2.23 7.95
CA MET B 117 -5.38 1.02 7.68
CA MET B 117 -5.38 1.00 7.64
C MET B 117 -4.84 -0.18 8.46
N ASP B 118 -3.52 -0.36 8.43
CA ASP B 118 -2.91 -1.52 9.12
C ASP B 118 -3.16 -1.52 10.62
N ARG B 119 -3.13 -0.34 11.22
CA ARG B 119 -3.10 -0.22 12.67
C ARG B 119 -4.49 0.00 13.31
N VAL B 120 -5.36 0.71 12.59
CA VAL B 120 -6.67 1.09 13.07
C VAL B 120 -7.66 -0.02 12.88
N LEU B 121 -7.60 -0.69 11.72
CA LEU B 121 -8.60 -1.71 11.38
C LEU B 121 -8.22 -3.11 11.89
N CYS B 122 -8.14 -3.24 13.22
CA CYS B 122 -7.63 -4.47 13.82
C CYS B 122 -8.74 -5.47 14.02
N GLN B 123 -8.36 -6.72 14.16
CA GLN B 123 -9.33 -7.77 14.39
C GLN B 123 -10.00 -7.48 15.71
N GLY B 124 -11.31 -7.72 15.75
CA GLY B 124 -12.18 -7.39 16.90
C GLY B 124 -12.89 -6.06 16.73
N PHE B 125 -12.21 -5.11 16.09
CA PHE B 125 -12.79 -3.80 15.82
C PHE B 125 -13.41 -3.73 14.43
N ALA B 126 -12.62 -3.96 13.37
CA ALA B 126 -13.10 -3.82 11.99
C ALA B 126 -13.63 -5.13 11.40
N PHE B 127 -13.16 -6.26 11.90
CA PHE B 127 -13.59 -7.55 11.39
C PHE B 127 -13.30 -8.61 12.43
N ASP B 128 -13.94 -9.77 12.28
CA ASP B 128 -13.65 -10.98 13.04
C ASP B 128 -13.55 -12.14 12.07
N ILE B 129 -13.12 -13.29 12.55
CA ILE B 129 -13.04 -14.47 11.69
C ILE B 129 -13.75 -15.53 12.45
N PRO B 130 -14.99 -15.82 12.12
CA PRO B 130 -15.71 -15.23 10.99
C PRO B 130 -16.17 -13.81 11.28
N GLY B 131 -16.67 -13.09 10.27
CA GLY B 131 -17.11 -11.72 10.46
C GLY B 131 -16.48 -10.73 9.51
N PHE B 132 -16.41 -11.08 8.23
CA PHE B 132 -15.80 -10.24 7.20
C PHE B 132 -16.65 -10.11 5.94
N TYR B 133 -16.26 -9.21 5.05
CA TYR B 133 -17.07 -8.86 3.89
C TYR B 133 -18.43 -8.39 4.41
N ASP B 134 -19.56 -8.97 3.97
CA ASP B 134 -20.86 -8.40 4.35
C ASP B 134 -21.17 -8.58 5.84
N SER B 135 -20.46 -9.50 6.52
CA SER B 135 -20.49 -9.65 7.99
C SER B 135 -19.38 -8.86 8.70
N GLY B 136 -18.68 -8.01 7.97
CA GLY B 136 -17.66 -7.16 8.60
C GLY B 136 -18.27 -6.28 9.71
N LEU B 137 -17.45 -5.91 10.70
CA LEU B 137 -17.93 -5.21 11.87
C LEU B 137 -18.28 -3.76 11.65
N LEU B 138 -17.82 -3.17 10.54
CA LEU B 138 -18.21 -1.80 10.22
C LEU B 138 -19.40 -1.72 9.26
N GLN B 139 -20.19 -2.79 9.21
CA GLN B 139 -21.42 -2.78 8.43
C GLN B 139 -22.34 -1.65 8.91
N GLY B 140 -23.09 -1.10 7.98
CA GLY B 140 -23.98 0.04 8.26
C GLY B 140 -23.27 1.37 7.96
N LYS B 141 -21.95 1.33 7.76
CA LYS B 141 -21.17 2.53 7.38
C LYS B 141 -20.82 2.59 5.90
N LEU B 142 -20.57 3.82 5.43
CA LEU B 142 -20.12 4.08 4.05
C LEU B 142 -18.70 4.58 4.01
N ALA B 143 -17.99 4.19 2.95
CA ALA B 143 -16.62 4.66 2.68
C ALA B 143 -16.54 5.13 1.24
N LEU B 144 -15.66 6.08 1.00
CA LEU B 144 -15.48 6.70 -0.32
C LEU B 144 -14.00 7.09 -0.49
N LEU B 145 -13.39 6.60 -1.57
CA LEU B 145 -12.05 6.96 -1.92
C LEU B 145 -12.07 8.17 -2.85
N SER B 146 -11.45 9.25 -2.41
CA SER B 146 -11.26 10.45 -3.25
C SER B 146 -9.79 10.48 -3.51
N VAL B 147 -9.44 10.14 -4.74
CA VAL B 147 -8.07 9.86 -5.16
CA VAL B 147 -8.04 9.95 -5.08
C VAL B 147 -7.64 10.84 -6.25
N THR B 148 -6.41 11.37 -6.18
CA THR B 148 -5.83 12.14 -7.25
C THR B 148 -4.68 11.36 -7.88
N THR B 149 -4.42 11.60 -9.16
CA THR B 149 -3.36 10.89 -9.84
C THR B 149 -2.39 11.80 -10.56
N GLY B 150 -1.22 11.27 -10.86
CA GLY B 150 -0.36 11.86 -11.86
C GLY B 150 -0.78 11.44 -13.24
N GLY B 151 -1.16 10.17 -13.39
CA GLY B 151 -1.54 9.64 -14.70
C GLY B 151 -2.84 10.25 -15.18
N THR B 152 -2.99 10.40 -16.50
CA THR B 152 -4.21 10.88 -17.10
C THR B 152 -5.25 9.76 -17.17
N ALA B 153 -6.48 10.16 -17.41
CA ALA B 153 -7.58 9.22 -17.51
C ALA B 153 -7.33 8.22 -18.64
N GLU B 154 -6.81 8.69 -19.78
CA GLU B 154 -6.53 7.82 -20.95
C GLU B 154 -5.48 6.75 -20.59
N MET B 155 -4.52 7.14 -19.75
CA MET B 155 -3.52 6.22 -19.25
C MET B 155 -4.14 5.13 -18.39
N TYR B 156 -5.18 5.46 -17.63
CA TYR B 156 -5.86 4.48 -16.80
C TYR B 156 -7.04 3.84 -17.54
N THR B 157 -6.79 3.30 -18.74
CA THR B 157 -7.77 2.47 -19.46
C THR B 157 -7.14 1.15 -19.79
N LYS B 158 -7.97 0.18 -20.17
CA LYS B 158 -7.50 -1.17 -20.56
C LYS B 158 -6.38 -1.15 -21.62
N THR B 159 -6.46 -0.22 -22.58
CA THR B 159 -5.45 -0.05 -23.63
C THR B 159 -4.39 1.04 -23.32
N GLY B 160 -4.49 1.69 -22.17
CA GLY B 160 -3.49 2.62 -21.66
C GLY B 160 -2.39 1.90 -20.91
N VAL B 161 -1.23 2.55 -20.79
CA VAL B 161 -0.06 1.97 -20.11
C VAL B 161 -0.34 1.51 -18.68
N ASN B 162 -1.24 2.19 -17.95
CA ASN B 162 -1.56 1.84 -16.54
C ASN B 162 -2.69 0.87 -16.30
N GLY B 163 -3.45 0.50 -17.31
CA GLY B 163 -4.65 -0.37 -17.13
C GLY B 163 -5.83 0.34 -16.49
N ASP B 164 -6.98 -0.32 -16.49
CA ASP B 164 -8.21 0.23 -15.89
C ASP B 164 -7.99 0.67 -14.45
N SER B 165 -8.47 1.85 -14.06
CA SER B 165 -8.40 2.33 -12.68
C SER B 165 -9.03 1.37 -11.68
N ARG B 166 -10.06 0.64 -12.09
CA ARG B 166 -10.72 -0.35 -11.21
C ARG B 166 -9.72 -1.43 -10.73
N TYR B 167 -8.70 -1.69 -11.54
CA TYR B 167 -7.66 -2.64 -11.15
C TYR B 167 -6.88 -2.22 -9.90
N PHE B 168 -6.56 -0.94 -9.73
CA PHE B 168 -5.89 -0.52 -8.48
C PHE B 168 -6.89 -0.28 -7.34
N LEU B 169 -8.16 -0.11 -7.66
CA LEU B 169 -9.17 0.11 -6.61
C LEU B 169 -9.41 -1.21 -5.82
N TRP B 170 -9.32 -2.36 -6.47
CA TRP B 170 -9.64 -3.65 -5.82
C TRP B 170 -9.07 -3.87 -4.40
N PRO B 171 -7.76 -3.75 -4.20
CA PRO B 171 -7.23 -3.99 -2.83
C PRO B 171 -7.79 -3.06 -1.75
N LEU B 172 -8.12 -1.83 -2.13
CA LEU B 172 -8.58 -0.81 -1.22
C LEU B 172 -10.06 -0.95 -0.95
N GLN B 173 -10.86 -0.96 -2.02
CA GLN B 173 -12.30 -1.01 -1.90
C GLN B 173 -12.77 -2.36 -1.46
N HIS B 174 -12.28 -3.44 -2.07
CA HIS B 174 -12.71 -4.78 -1.74
C HIS B 174 -11.88 -5.38 -0.61
N GLY B 175 -10.59 -5.46 -0.84
CA GLY B 175 -9.71 -6.14 0.10
C GLY B 175 -9.62 -5.53 1.49
N THR B 176 -9.87 -4.24 1.61
CA THR B 176 -9.80 -3.53 2.86
C THR B 176 -11.22 -3.05 3.32
N LEU B 177 -11.83 -2.15 2.57
CA LEU B 177 -13.07 -1.51 3.03
C LEU B 177 -14.21 -2.51 3.12
N HIS B 178 -14.51 -3.20 2.04
CA HIS B 178 -15.57 -4.21 2.03
C HIS B 178 -15.25 -5.33 3.01
N PHE B 179 -14.00 -5.74 3.09
CA PHE B 179 -13.65 -6.76 4.06
C PHE B 179 -14.09 -6.39 5.48
N CYS B 180 -13.98 -5.12 5.84
CA CYS B 180 -14.38 -4.64 7.18
C CYS B 180 -15.88 -4.35 7.32
N GLY B 181 -16.63 -4.61 6.25
CA GLY B 181 -18.06 -4.43 6.21
C GLY B 181 -18.61 -3.12 5.68
N PHE B 182 -17.75 -2.22 5.23
CA PHE B 182 -18.19 -0.96 4.68
C PHE B 182 -18.89 -1.20 3.35
N LYS B 183 -19.82 -0.31 3.03
CA LYS B 183 -20.45 -0.28 1.73
C LYS B 183 -19.63 0.86 1.11
N VAL B 184 -19.31 0.74 -0.16
CA VAL B 184 -18.39 1.61 -0.87
C VAL B 184 -19.15 2.49 -1.87
N LEU B 185 -19.10 3.80 -1.66
CA LEU B 185 -19.61 4.74 -2.63
C LEU B 185 -18.64 4.81 -3.82
N ALA B 186 -19.14 5.17 -5.01
CA ALA B 186 -18.28 5.19 -6.21
C ALA B 186 -17.10 6.11 -5.93
N PRO B 187 -15.90 5.76 -6.42
CA PRO B 187 -14.76 6.57 -6.10
C PRO B 187 -14.80 7.89 -6.82
N GLN B 188 -14.20 8.90 -6.22
CA GLN B 188 -13.99 10.17 -6.87
C GLN B 188 -12.54 10.17 -7.30
N ILE B 189 -12.31 10.09 -8.61
CA ILE B 189 -10.94 10.10 -9.13
C ILE B 189 -10.73 11.38 -9.90
N SER B 190 -9.79 12.18 -9.40
CA SER B 190 -9.43 13.44 -9.99
C SER B 190 -8.11 13.21 -10.71
N PHE B 191 -8.19 12.92 -12.01
CA PHE B 191 -7.02 12.57 -12.85
C PHE B 191 -6.10 13.76 -13.16
N ALA B 192 -4.81 13.63 -12.84
CA ALA B 192 -3.74 14.52 -13.39
C ALA B 192 -3.97 16.02 -13.16
N PRO B 193 -4.29 16.44 -11.91
CA PRO B 193 -4.39 17.88 -11.69
C PRO B 193 -3.11 18.66 -11.96
N GLU B 194 -1.93 18.05 -11.81
CA GLU B 194 -0.67 18.76 -12.13
C GLU B 194 -0.55 19.20 -13.61
N ILE B 195 -1.18 18.43 -14.47
CA ILE B 195 -1.13 18.59 -15.93
C ILE B 195 -2.30 19.39 -16.46
N ALA B 196 -3.43 19.33 -15.77
CA ALA B 196 -4.63 20.05 -16.20
C ALA B 196 -4.40 21.57 -16.20
N SER B 197 -5.19 22.28 -17.01
CA SER B 197 -5.24 23.73 -16.94
C SER B 197 -5.92 24.21 -15.64
N GLU B 198 -5.65 25.47 -15.27
CA GLU B 198 -6.33 26.12 -14.14
C GLU B 198 -7.85 25.88 -14.22
N GLU B 199 -8.41 26.04 -15.42
CA GLU B 199 -9.84 25.83 -15.63
C GLU B 199 -10.32 24.41 -15.37
N GLU B 200 -9.59 23.44 -15.94
CA GLU B 200 -9.90 22.01 -15.73
C GLU B 200 -9.82 21.63 -14.25
N ARG B 201 -8.82 22.15 -13.55
CA ARG B 201 -8.69 21.94 -12.12
C ARG B 201 -9.88 22.47 -11.32
N LYS B 202 -10.23 23.73 -11.57
CA LYS B 202 -11.40 24.30 -10.89
C LYS B 202 -12.66 23.45 -11.18
N GLY B 203 -12.80 22.98 -12.42
CA GLY B 203 -13.85 22.02 -12.80
C GLY B 203 -13.89 20.77 -11.94
N MET B 204 -12.73 20.17 -11.72
CA MET B 204 -12.65 18.94 -10.91
C MET B 204 -12.95 19.21 -9.44
N VAL B 205 -12.55 20.37 -8.94
CA VAL B 205 -12.89 20.77 -7.56
C VAL B 205 -14.43 21.00 -7.45
N ALA B 206 -14.96 21.74 -8.43
CA ALA B 206 -16.39 22.01 -8.48
C ALA B 206 -17.25 20.75 -8.64
N ALA B 207 -16.73 19.77 -9.40
CA ALA B 207 -17.41 18.48 -9.60
C ALA B 207 -17.53 17.68 -8.25
N TRP B 208 -16.51 17.76 -7.42
CA TRP B 208 -16.50 17.10 -6.09
C TRP B 208 -17.47 17.80 -5.15
N SER B 209 -17.40 19.12 -5.15
CA SER B 209 -18.31 19.93 -4.33
C SER B 209 -19.77 19.64 -4.67
N GLN B 210 -20.03 19.61 -5.97
CA GLN B 210 -21.36 19.37 -6.51
C GLN B 210 -21.87 17.97 -6.17
N ARG B 211 -21.03 16.95 -6.30
CA ARG B 211 -21.40 15.60 -5.92
C ARG B 211 -21.75 15.49 -4.43
N LEU B 212 -20.98 16.20 -3.60
CA LEU B 212 -21.18 16.15 -2.17
C LEU B 212 -22.54 16.71 -1.74
N GLN B 213 -23.06 17.66 -2.52
CA GLN B 213 -24.38 18.21 -2.24
C GLN B 213 -25.45 17.12 -2.13
N THR B 214 -25.31 16.03 -2.91
CA THR B 214 -26.31 14.95 -2.93
C THR B 214 -25.71 13.59 -2.56
N ILE B 215 -24.62 13.62 -1.78
CA ILE B 215 -23.88 12.38 -1.40
C ILE B 215 -24.74 11.43 -0.57
N TRP B 216 -25.67 12.00 0.22
CA TRP B 216 -26.54 11.17 1.09
C TRP B 216 -27.66 10.45 0.33
N LYS B 217 -27.89 10.80 -0.94
CA LYS B 217 -28.87 10.10 -1.77
C LYS B 217 -28.24 9.03 -2.65
N GLU B 218 -26.93 8.89 -2.62
CA GLU B 218 -26.25 7.88 -3.47
C GLU B 218 -26.41 6.52 -2.88
N GLU B 219 -26.37 5.53 -3.76
CA GLU B 219 -26.39 4.14 -3.38
C GLU B 219 -24.94 3.66 -3.56
N PRO B 220 -24.50 2.75 -2.62
CA PRO B 220 -23.12 2.31 -2.79
C PRO B 220 -23.00 1.34 -3.96
N ILE B 221 -21.80 1.17 -4.48
CA ILE B 221 -21.57 0.26 -5.57
C ILE B 221 -21.66 -1.17 -5.05
N PRO B 222 -21.86 -2.14 -5.94
CA PRO B 222 -21.86 -3.52 -5.46
C PRO B 222 -20.37 -3.83 -5.51
N CYS B 223 -19.75 -4.05 -4.36
CA CYS B 223 -18.31 -4.28 -4.30
C CYS B 223 -17.96 -5.74 -4.60
N THR B 224 -18.07 -6.07 -5.88
CA THR B 224 -17.88 -7.41 -6.38
C THR B 224 -16.78 -7.49 -7.41
N ALA B 225 -16.33 -8.70 -7.68
CA ALA B 225 -15.32 -8.93 -8.69
C ALA B 225 -15.87 -8.48 -10.04
N HIS B 226 -17.13 -8.81 -10.31
CA HIS B 226 -17.75 -8.40 -11.55
C HIS B 226 -17.67 -6.87 -11.72
N TRP B 227 -17.98 -6.11 -10.67
CA TRP B 227 -17.89 -4.65 -10.74
C TRP B 227 -16.48 -4.19 -11.15
N HIS B 228 -15.46 -4.78 -10.54
CA HIS B 228 -14.08 -4.31 -10.74
C HIS B 228 -13.46 -4.83 -12.05
N PHE B 229 -13.83 -6.06 -12.43
CA PHE B 229 -13.18 -6.76 -13.57
C PHE B 229 -14.08 -7.16 -14.74
N GLY B 230 -15.39 -6.95 -14.63
CA GLY B 230 -16.39 -7.57 -15.51
C GLY B 230 -16.20 -7.42 -17.00
N GLN B 231 -16.07 -6.17 -17.47
CA GLN B 231 -15.98 -5.92 -18.93
C GLN B 231 -14.74 -6.62 -19.53
ZN ZN C . 3.55 -4.99 -15.86
PA FAD D . 3.95 -16.68 11.69
O1A FAD D . 2.79 -16.55 12.63
O2A FAD D . 5.25 -16.11 12.15
O5B FAD D . 4.23 -18.22 11.30
C5B FAD D . 3.27 -19.26 11.29
C4B FAD D . 3.89 -20.48 11.98
O4B FAD D . 5.06 -20.91 11.27
C3B FAD D . 4.37 -20.15 13.38
O3B FAD D . 3.86 -21.13 14.24
C2B FAD D . 5.87 -20.22 13.31
O2B FAD D . 6.49 -20.69 14.50
C1B FAD D . 6.06 -21.25 12.21
N9A FAD D . 7.43 -21.33 11.61
C8A FAD D . 8.38 -20.37 11.58
N7A FAD D . 9.48 -20.80 10.95
C5A FAD D . 9.24 -22.07 10.54
C6A FAD D . 9.98 -23.12 9.85
N6A FAD D . 11.23 -22.84 9.42
N1A FAD D . 9.40 -24.32 9.63
C2A FAD D . 8.14 -24.58 10.05
N3A FAD D . 7.40 -23.66 10.73
C4A FAD D . 7.89 -22.42 11.00
N1 FAD D . -3.93 -12.08 5.21
C2 FAD D . -4.53 -12.12 3.98
O2 FAD D . -4.67 -13.23 3.42
N3 FAD D . -4.99 -11.00 3.36
C4 FAD D . -4.91 -9.78 3.91
O4 FAD D . -5.34 -8.76 3.29
C4X FAD D . -4.26 -9.65 5.23
N5 FAD D . -4.14 -8.47 5.87
C5X FAD D . -3.55 -8.36 7.07
C6 FAD D . -3.44 -7.10 7.67
C7 FAD D . -2.84 -6.94 8.91
C7M FAD D . -2.72 -5.57 9.55
C8 FAD D . -2.31 -8.13 9.61
C8M FAD D . -1.64 -7.96 10.95
C9 FAD D . -2.41 -9.38 9.02
C9A FAD D . -3.01 -9.56 7.76
N10 FAD D . -3.13 -10.81 7.12
C10 FAD D . -3.77 -10.90 5.85
C1' FAD D . -2.60 -12.05 7.73
C2' FAD D . -1.08 -12.08 7.43
O2' FAD D . -0.81 -12.01 6.00
C3' FAD D . -0.49 -13.33 8.02
O3' FAD D . -0.72 -13.29 9.43
C4' FAD D . 1.01 -13.47 7.75
O4' FAD D . 1.19 -13.66 6.33
C5' FAD D . 1.61 -14.63 8.51
O5' FAD D . 3.03 -14.80 8.31
P FAD D . 3.98 -14.76 9.59
O1P FAD D . 5.40 -14.86 9.14
O2P FAD D . 3.61 -13.63 10.49
O3P FAD D . 3.50 -16.17 10.22
C9 6T0 E . 3.29 5.69 -11.38
C9 6T0 E . 4.78 7.85 -10.14
C10 6T0 E . 2.64 6.49 -12.45
C10 6T0 E . 4.68 9.24 -10.61
C2 6T0 E . 4.07 9.85 -11.55
C2 6T0 E . 2.21 8.68 -13.41
C3 6T0 E . 3.78 8.49 -11.53
C3 6T0 E . 3.07 8.47 -12.32
C4 6T0 E . 4.34 7.67 -10.56
C4 6T0 E . 3.22 7.18 -11.81
C5 6T0 E . 5.19 8.23 -9.61
C5 6T0 E . 2.52 6.11 -12.38
C6 6T0 E . 5.47 9.59 -9.62
C6 6T0 E . 1.66 6.33 -13.45
C7 6T0 E . 4.92 10.40 -10.59
C7 6T0 E . 1.50 7.60 -13.97
C8 6T0 E . 3.69 9.29 -15.96
C8 6T0 E . 4.64 13.48 -13.70
C1 6T0 E . 3.03 11.65 -15.55
C1 6T0 E . 3.45 13.53 -11.50
N8 6T0 E . 4.11 6.33 -10.51
N8 6T0 E . 4.04 6.90 -10.78
C11 6T0 E . 2.93 7.93 -12.47
C11 6T0 E . 3.78 9.51 -11.74
N12 6T0 E . 1.79 6.28 -13.49
N12 6T0 E . 5.21 10.44 -10.27
C13 6T0 E . 1.59 7.49 -14.11
C13 6T0 E . 4.71 11.39 -11.12
N14 6T0 E . 2.29 8.49 -13.51
N14 6T0 E . 3.84 10.83 -12.01
N15 6T0 E . 3.05 4.22 -11.25
N15 6T0 E . 5.65 7.46 -9.00
C19 6T0 E . 2.26 9.90 -13.93
C19 6T0 E . 3.14 11.56 -13.06
C20 6T0 E . 3.38 10.32 -14.89
C20 6T0 E . 3.38 13.07 -12.95
C9 6T0 F . -7.14 -10.15 6.90
C9 6T0 F . -8.24 -11.48 4.36
C10 6T0 F . -6.47 -10.69 8.11
C10 6T0 F . -8.09 -12.82 4.98
C2 6T0 F . -6.90 -14.35 7.43
C2 6T0 F . -6.68 -11.68 8.28
C3 6T0 F . -6.96 -12.97 7.29
C3 6T0 F . -7.20 -11.67 6.98
C4 6T0 F . -7.57 -12.39 6.18
C4 6T0 F . -7.38 -10.46 6.32
C5 6T0 F . -8.13 -13.22 5.20
C5 6T0 F . -7.05 -9.26 6.95
C6 6T0 F . -8.08 -14.60 5.34
C6 6T0 F . -6.53 -9.27 8.24
C7 6T0 F . -7.47 -15.16 6.46
C7 6T0 F . -6.35 -10.48 8.90
C8 6T0 F . -3.97 -12.33 11.31
C8 6T0 F . -7.57 -17.04 7.29
C1 6T0 F . -4.21 -14.79 11.83
C1 6T0 F . -7.19 -16.53 9.70
N8 6T0 F . -7.65 -11.04 6.01
N8 6T0 F . -7.88 -10.38 5.06
C11 6T0 F . -6.41 -12.14 8.26
C11 6T0 F . -7.55 -12.85 6.33
N12 6T0 F . -5.85 -10.21 9.21
N12 6T0 F . -8.33 -14.10 4.64
C13 6T0 F . -5.45 -11.26 9.96
C13 6T0 F . -7.97 -14.89 5.70
N14 6T0 F . -5.78 -12.44 9.38
N14 6T0 F . -7.49 -14.14 6.73
N15 6T0 F . -7.27 -8.70 6.64
N15 6T0 F . -8.78 -11.35 2.99
C19 6T0 F . -5.50 -13.77 9.92
C19 6T0 F . -7.01 -14.66 8.02
C20 6T0 F . -4.21 -13.73 10.73
C20 6T0 F . -7.71 -15.98 8.37
S SO4 G . 0.56 -33.48 8.02
O1 SO4 G . 1.68 -33.92 8.88
O2 SO4 G . 1.11 -32.80 6.83
O3 SO4 G . -0.29 -32.55 8.80
O4 SO4 G . -0.24 -34.69 7.66
S SO4 H . 9.36 8.28 14.37
O1 SO4 H . 10.00 7.28 15.29
O2 SO4 H . 10.05 8.22 13.04
O3 SO4 H . 7.93 8.00 14.12
O4 SO4 H . 9.49 9.62 14.95
PA FAD I . -0.76 19.46 -6.60
O1A FAD I . 0.64 19.46 -7.19
O2A FAD I . -0.91 19.96 -5.20
O5B FAD I . -1.80 20.19 -7.54
C5B FAD I . -1.58 20.60 -8.88
C4B FAD I . -1.90 22.08 -9.01
O4B FAD I . -3.23 22.39 -8.55
C3B FAD I . -0.96 22.92 -8.15
O3B FAD I . -0.36 23.91 -8.98
C2B FAD I . -1.85 23.56 -7.11
O2B FAD I . -1.38 24.86 -6.76
C1B FAD I . -3.19 23.61 -7.83
N9A FAD I . -4.40 23.77 -6.99
C8A FAD I . -4.57 23.54 -5.67
N7A FAD I . -5.85 23.82 -5.29
C5A FAD I . -6.51 24.25 -6.38
C6A FAD I . -7.88 24.74 -6.70
N6A FAD I . -8.81 24.80 -5.73
N1A FAD I . -8.18 25.09 -7.99
C2A FAD I . -7.24 25.04 -8.96
N3A FAD I . -5.96 24.62 -8.74
C4A FAD I . -5.56 24.22 -7.50
N1 FAD I . 0.52 8.90 -9.88
C2 FAD I . -0.10 7.88 -10.50
O2 FAD I . -0.91 8.14 -11.41
N3 FAD I . 0.17 6.59 -10.19
C4 FAD I . 1.06 6.25 -9.24
O4 FAD I . 1.26 5.04 -8.98
C4X FAD I . 1.80 7.32 -8.54
N5 FAD I . 2.71 7.09 -7.58
C5X FAD I . 3.34 8.09 -6.93
C6 FAD I . 4.28 7.80 -5.94
C7 FAD I . 4.95 8.81 -5.27
C7M FAD I . 5.95 8.46 -4.19
C8 FAD I . 4.67 10.24 -5.59
C8M FAD I . 5.37 11.36 -4.85
C9 FAD I . 3.72 10.53 -6.56
C9A FAD I . 3.04 9.52 -7.26
N10 FAD I . 2.08 9.78 -8.27
C10 FAD I . 1.44 8.70 -8.92
C1' FAD I . 1.72 11.14 -8.64
C2' FAD I . 0.73 11.68 -7.59
O2' FAD I . -0.46 10.87 -7.49
C3' FAD I . 0.35 13.10 -7.95
O3' FAD I . 1.58 13.84 -7.85
C4' FAD I . -0.76 13.68 -7.04
O4' FAD I . -1.94 12.90 -7.16
C5' FAD I . -1.18 15.08 -7.43
O5' FAD I . -2.02 15.68 -6.40
P FAD I . -1.45 16.89 -5.53
O1P FAD I . -2.56 17.24 -4.57
O2P FAD I . -0.11 16.67 -4.92
O3P FAD I . -1.35 17.97 -6.74
ZN ZN J . -16.12 -5.94 -2.45
C9 6T0 K . -13.64 29.07 4.54
C10 6T0 K . -14.46 29.56 3.42
C2 6T0 K . -17.60 27.55 4.23
C3 6T0 K . -16.31 28.11 4.24
C4 6T0 K . -15.43 27.70 5.27
C5 6T0 K . -15.85 26.79 6.25
C6 6T0 K . -17.13 26.25 6.23
C7 6T0 K . -18.00 26.63 5.20
C8 6T0 K . -16.69 29.00 -0.78
C1 6T0 K . -17.43 27.14 0.76
N8 6T0 K . -14.15 28.17 5.40
C11 6T0 K . -15.83 29.05 3.28
N12 6T0 K . -14.24 30.42 2.41
C13 6T0 K . -15.38 30.47 1.67
N14 6T0 K . -16.34 29.65 2.18
N15 6T0 K . -12.27 29.59 4.68
C19 6T0 K . -17.64 29.57 1.51
C20 6T0 K . -17.67 28.59 0.33
C9 6T0 L . -11.58 26.62 3.07
C10 6T0 L . -10.25 27.25 3.24
C2 6T0 L . -9.10 25.11 6.17
C3 6T0 L . -9.84 25.68 5.13
C4 6T0 L . -11.14 25.16 4.87
C5 6T0 L . -11.65 24.11 5.64
C6 6T0 L . -10.88 23.55 6.67
C7 6T0 L . -9.62 24.05 6.93
C8 6T0 L . -8.14 29.10 6.64
C1 6T0 L . -5.60 28.82 6.72
N8 6T0 L . -11.96 25.62 3.89
C11 6T0 L . -9.38 26.75 4.31
N12 6T0 L . -9.60 28.24 2.60
C13 6T0 L . -8.40 28.38 3.21
N14 6T0 L . -8.25 27.50 4.23
N15 6T0 L . -12.49 27.10 2.01
C19 6T0 L . -6.98 27.51 5.01
C20 6T0 L . -6.86 28.82 5.83
S SO4 M . -0.03 5.64 24.19
O1 SO4 M . 0.92 5.22 25.27
O2 SO4 M . 0.61 5.41 22.88
O3 SO4 M . -1.29 4.86 24.33
O4 SO4 M . -0.36 7.07 24.34
#